data_3T8K
#
_entry.id   3T8K
#
_cell.length_a   36.193
_cell.length_b   101.019
_cell.length_c   108.184
_cell.angle_alpha   90.00
_cell.angle_beta   90.00
_cell.angle_gamma   90.00
#
_symmetry.space_group_name_H-M   'P 21 21 21'
#
loop_
_entity.id
_entity.type
_entity.pdbx_description
1 polymer 'uncharacterized protein'
2 water water
#
_entity_poly.entity_id   1
_entity_poly.type   'polypeptide(L)'
_entity_poly.pdbx_seq_one_letter_code
;SNA(MSE)SEYRTVSAAA(MSE)LGTYEDFLELFEKGYEDKESVLKSNILYDVLRNNNDEARYKIS(MSE)FLINKGADI
KSRTKEGTTLFFPLFQGGGNDITGTTELCKIFLEKGADITALYKPYKIVVFKNIFNYFVDENE(MSE)IPLYKLIFSQSG
LQLLIKDKWGLTALEFVKRCQKPIALK(MSE)(MSE)EDYIKKYNLKENS
;
_entity_poly.pdbx_strand_id   A,B
#
# COMPACT_ATOMS: atom_id res chain seq x y z
N SER A 1 12.41 -25.88 -11.05
CA SER A 1 11.18 -25.10 -11.04
C SER A 1 11.26 -23.98 -10.01
N ASN A 2 11.77 -22.83 -10.44
CA ASN A 2 11.90 -21.66 -9.58
C ASN A 2 10.56 -21.18 -9.00
N ALA A 3 9.62 -20.82 -9.87
CA ALA A 3 8.34 -20.30 -9.42
C ALA A 3 7.54 -21.36 -8.66
N MSE A 4 7.64 -22.61 -9.10
CA MSE A 4 6.88 -23.67 -8.46
C MSE A 4 7.38 -23.95 -7.04
O MSE A 4 6.66 -24.49 -6.21
CB MSE A 4 6.91 -24.95 -9.31
CG MSE A 4 5.97 -24.89 -10.50
SE MSE A 4 4.10 -24.89 -9.94
CE MSE A 4 3.95 -26.77 -9.43
N SER A 5 8.63 -23.56 -6.79
CA SER A 5 9.21 -23.71 -5.46
C SER A 5 8.95 -22.46 -4.61
N GLU A 6 8.88 -21.31 -5.28
CA GLU A 6 8.74 -20.02 -4.60
C GLU A 6 7.28 -19.72 -4.22
N TYR A 7 6.34 -20.20 -5.04
CA TYR A 7 4.93 -19.90 -4.81
C TYR A 7 4.09 -21.17 -4.76
N ARG A 8 3.30 -21.31 -3.70
CA ARG A 8 2.48 -22.50 -3.49
C ARG A 8 1.11 -22.36 -4.14
N THR A 9 0.66 -21.12 -4.35
CA THR A 9 -0.66 -20.87 -4.94
C THR A 9 -0.58 -19.82 -6.05
N VAL A 10 -1.59 -19.77 -6.91
CA VAL A 10 -1.62 -18.77 -7.98
C VAL A 10 -1.70 -17.36 -7.38
N SER A 11 -2.50 -17.23 -6.32
CA SER A 11 -2.61 -15.97 -5.58
C SER A 11 -1.25 -15.38 -5.18
N ALA A 12 -0.38 -16.21 -4.61
CA ALA A 12 0.96 -15.75 -4.21
C ALA A 12 1.80 -15.31 -5.42
N ALA A 13 1.80 -16.12 -6.47
CA ALA A 13 2.53 -15.81 -7.69
C ALA A 13 2.02 -14.51 -8.28
N ALA A 14 0.70 -14.31 -8.24
CA ALA A 14 0.06 -13.16 -8.86
C ALA A 14 0.46 -11.86 -8.16
N MSE A 15 0.65 -11.95 -6.85
CA MSE A 15 0.96 -10.75 -6.07
C MSE A 15 2.44 -10.44 -5.98
O MSE A 15 2.84 -9.27 -5.83
CB MSE A 15 0.38 -10.88 -4.66
CG MSE A 15 0.51 -9.62 -3.84
SE MSE A 15 -0.88 -9.59 -2.50
CE MSE A 15 -0.54 -11.31 -1.69
N LEU A 16 3.28 -11.47 -6.07
CA LEU A 16 4.71 -11.31 -5.78
C LEU A 16 5.64 -11.54 -6.99
N GLY A 17 5.23 -12.39 -7.92
CA GLY A 17 6.13 -12.79 -8.99
C GLY A 17 6.04 -11.99 -10.27
N THR A 18 6.77 -12.48 -11.28
CA THR A 18 6.69 -11.90 -12.61
C THR A 18 5.48 -12.50 -13.33
N TYR A 19 5.20 -11.96 -14.50
CA TYR A 19 4.16 -12.53 -15.36
C TYR A 19 4.49 -14.00 -15.62
N GLU A 20 5.76 -14.27 -15.91
CA GLU A 20 6.20 -15.64 -16.20
C GLU A 20 6.00 -16.58 -15.00
N ASP A 21 6.30 -16.08 -13.81
CA ASP A 21 6.08 -16.85 -12.58
C ASP A 21 4.61 -17.19 -12.45
N PHE A 22 3.77 -16.18 -12.66
CA PHE A 22 2.33 -16.35 -12.54
C PHE A 22 1.83 -17.38 -13.53
N LEU A 23 2.30 -17.30 -14.77
CA LEU A 23 1.94 -18.29 -15.78
C LEU A 23 2.28 -19.71 -15.35
N GLU A 24 3.49 -19.88 -14.79
CA GLU A 24 3.91 -21.19 -14.32
C GLU A 24 2.88 -21.75 -13.33
N LEU A 25 2.46 -20.91 -12.37
CA LEU A 25 1.52 -21.37 -11.35
C LEU A 25 0.13 -21.63 -11.93
N PHE A 26 -0.32 -20.75 -12.81
CA PHE A 26 -1.65 -20.87 -13.37
C PHE A 26 -1.78 -22.18 -14.13
N GLU A 27 -0.72 -22.54 -14.85
CA GLU A 27 -0.75 -23.75 -15.68
C GLU A 27 -0.39 -25.02 -14.92
N LYS A 28 0.64 -24.94 -14.07
CA LYS A 28 1.20 -26.14 -13.46
C LYS A 28 0.81 -26.37 -11.99
N GLY A 29 0.27 -25.34 -11.34
CA GLY A 29 -0.12 -25.43 -9.94
C GLY A 29 -1.27 -26.41 -9.73
N TYR A 30 -1.53 -26.77 -8.47
CA TYR A 30 -2.56 -27.78 -8.19
C TYR A 30 -3.99 -27.23 -8.27
N GLU A 31 -4.13 -25.91 -8.20
CA GLU A 31 -5.46 -25.30 -8.20
C GLU A 31 -6.14 -25.40 -9.55
N ASP A 32 -7.46 -25.43 -9.51
CA ASP A 32 -8.27 -25.53 -10.70
C ASP A 32 -8.35 -24.18 -11.37
N LYS A 33 -8.01 -24.09 -12.65
CA LYS A 33 -8.03 -22.80 -13.34
C LYS A 33 -9.39 -22.11 -13.20
N GLU A 34 -10.46 -22.88 -13.29
CA GLU A 34 -11.80 -22.31 -13.21
C GLU A 34 -12.11 -21.73 -11.84
N SER A 35 -11.64 -22.40 -10.79
CA SER A 35 -11.79 -21.87 -9.44
C SER A 35 -11.00 -20.59 -9.29
N VAL A 36 -9.81 -20.54 -9.89
CA VAL A 36 -8.96 -19.35 -9.82
C VAL A 36 -9.64 -18.18 -10.52
N LEU A 37 -10.18 -18.42 -11.70
CA LEU A 37 -10.81 -17.36 -12.48
C LEU A 37 -12.02 -16.78 -11.78
N LYS A 38 -12.76 -17.64 -11.07
CA LYS A 38 -13.94 -17.20 -10.34
C LYS A 38 -13.63 -16.55 -8.98
N SER A 39 -12.37 -16.57 -8.58
CA SER A 39 -11.98 -15.98 -7.30
C SER A 39 -11.76 -14.50 -7.46
N ASN A 40 -11.42 -13.83 -6.36
CA ASN A 40 -11.04 -12.42 -6.43
C ASN A 40 -9.54 -12.26 -6.67
N ILE A 41 -8.99 -13.15 -7.50
CA ILE A 41 -7.56 -13.14 -7.82
C ILE A 41 -7.06 -11.77 -8.31
N LEU A 42 -7.87 -11.05 -9.08
CA LEU A 42 -7.46 -9.72 -9.58
C LEU A 42 -7.11 -8.75 -8.47
N TYR A 43 -7.78 -8.88 -7.32
CA TYR A 43 -7.43 -8.04 -6.18
C TYR A 43 -5.98 -8.27 -5.76
N ASP A 44 -5.56 -9.53 -5.71
CA ASP A 44 -4.15 -9.86 -5.41
C ASP A 44 -3.19 -9.34 -6.48
N VAL A 45 -3.54 -9.54 -7.74
CA VAL A 45 -2.73 -9.05 -8.85
C VAL A 45 -2.44 -7.54 -8.72
N LEU A 46 -3.47 -6.77 -8.42
CA LEU A 46 -3.33 -5.33 -8.40
C LEU A 46 -2.38 -4.86 -7.31
N ARG A 47 -2.09 -5.76 -6.38
CA ARG A 47 -1.19 -5.44 -5.28
C ARG A 47 0.27 -5.76 -5.59
N ASN A 48 0.50 -6.34 -6.77
CA ASN A 48 1.86 -6.57 -7.23
C ASN A 48 2.60 -5.24 -7.42
N ASN A 49 3.71 -5.07 -6.70
CA ASN A 49 4.55 -3.87 -6.83
C ASN A 49 5.31 -3.75 -8.16
N ASN A 50 5.28 -4.80 -8.96
CA ASN A 50 5.92 -4.83 -10.27
C ASN A 50 4.90 -4.35 -11.31
N ASP A 51 5.11 -3.16 -11.86
CA ASP A 51 4.14 -2.56 -12.80
C ASP A 51 3.92 -3.44 -14.02
N GLU A 52 5.01 -3.93 -14.59
CA GLU A 52 4.94 -4.77 -15.78
C GLU A 52 4.19 -6.08 -15.48
N ALA A 53 4.55 -6.73 -14.38
CA ALA A 53 3.84 -7.91 -13.92
C ALA A 53 2.37 -7.59 -13.65
N ARG A 54 2.11 -6.51 -12.92
CA ARG A 54 0.73 -6.15 -12.58
C ARG A 54 -0.15 -6.04 -13.81
N TYR A 55 0.39 -5.36 -14.83
CA TYR A 55 -0.36 -5.15 -16.06
C TYR A 55 -0.52 -6.44 -16.88
N LYS A 56 0.60 -7.12 -17.15
CA LYS A 56 0.57 -8.32 -17.98
C LYS A 56 -0.32 -9.41 -17.38
N ILE A 57 -0.18 -9.64 -16.08
CA ILE A 57 -1.00 -10.63 -15.39
C ILE A 57 -2.46 -10.21 -15.37
N SER A 58 -2.70 -8.91 -15.18
CA SER A 58 -4.07 -8.42 -15.14
C SER A 58 -4.76 -8.65 -16.48
N MSE A 59 -4.08 -8.26 -17.54
CA MSE A 59 -4.61 -8.42 -18.90
C MSE A 59 -4.84 -9.88 -19.25
O MSE A 59 -5.83 -10.23 -19.90
CB MSE A 59 -3.69 -7.78 -19.92
CG MSE A 59 -3.56 -6.27 -19.74
SE MSE A 59 -5.21 -5.28 -20.15
CE MSE A 59 -6.39 -5.86 -18.72
N PHE A 60 -3.92 -10.74 -18.81
CA PHE A 60 -4.06 -12.16 -19.07
C PHE A 60 -5.34 -12.70 -18.42
N LEU A 61 -5.53 -12.39 -17.15
CA LEU A 61 -6.70 -12.86 -16.40
C LEU A 61 -7.99 -12.27 -16.89
N ILE A 62 -8.00 -10.95 -17.13
CA ILE A 62 -9.19 -10.32 -17.69
C ILE A 62 -9.59 -10.98 -19.01
N ASN A 63 -8.62 -11.24 -19.87
CA ASN A 63 -8.90 -11.88 -21.15
C ASN A 63 -9.40 -13.32 -21.01
N LYS A 64 -9.05 -13.98 -19.91
CA LYS A 64 -9.51 -15.34 -19.64
C LYS A 64 -10.84 -15.34 -18.89
N GLY A 65 -11.35 -14.15 -18.60
CA GLY A 65 -12.68 -14.01 -18.00
C GLY A 65 -12.73 -13.89 -16.49
N ALA A 66 -11.60 -13.55 -15.87
CA ALA A 66 -11.56 -13.37 -14.42
C ALA A 66 -12.64 -12.40 -13.95
N ASP A 67 -13.10 -12.59 -12.72
CA ASP A 67 -14.18 -11.78 -12.17
C ASP A 67 -13.76 -10.33 -11.98
N ILE A 68 -14.53 -9.42 -12.56
CA ILE A 68 -14.22 -7.98 -12.57
C ILE A 68 -15.08 -7.24 -11.56
N LYS A 69 -16.20 -7.83 -11.20
CA LYS A 69 -17.19 -7.17 -10.36
C LYS A 69 -17.14 -7.65 -8.91
N SER A 70 -16.04 -8.30 -8.55
CA SER A 70 -15.90 -8.87 -7.22
C SER A 70 -15.63 -7.82 -6.16
N ARG A 71 -16.00 -8.14 -4.91
CA ARG A 71 -15.75 -7.23 -3.81
C ARG A 71 -15.21 -7.97 -2.60
N THR A 72 -14.41 -7.27 -1.81
CA THR A 72 -13.89 -7.82 -0.57
C THR A 72 -15.05 -7.94 0.41
N LYS A 73 -14.80 -8.53 1.57
CA LYS A 73 -15.85 -8.68 2.58
C LYS A 73 -16.31 -7.33 3.10
N GLU A 74 -15.48 -6.30 2.92
CA GLU A 74 -15.83 -4.95 3.33
C GLU A 74 -16.42 -4.14 2.18
N GLY A 75 -16.61 -4.79 1.04
CA GLY A 75 -17.28 -4.16 -0.08
C GLY A 75 -16.38 -3.44 -1.07
N THR A 76 -15.07 -3.64 -0.95
CA THR A 76 -14.12 -2.91 -1.78
C THR A 76 -14.00 -3.49 -3.18
N THR A 77 -14.15 -2.63 -4.19
CA THR A 77 -13.99 -3.04 -5.58
C THR A 77 -12.52 -3.10 -6.01
N LEU A 78 -12.28 -3.61 -7.21
CA LEU A 78 -10.93 -3.72 -7.74
C LEU A 78 -10.29 -2.34 -7.89
N PHE A 79 -11.11 -1.30 -7.97
CA PHE A 79 -10.56 0.04 -8.18
C PHE A 79 -9.60 0.48 -7.07
N PHE A 80 -9.81 -0.01 -5.85
CA PHE A 80 -9.01 0.48 -4.73
C PHE A 80 -7.54 0.09 -4.85
N PRO A 81 -7.25 -1.22 -4.96
CA PRO A 81 -5.84 -1.56 -5.10
C PRO A 81 -5.27 -1.03 -6.40
N LEU A 82 -6.09 -0.92 -7.44
CA LEU A 82 -5.66 -0.32 -8.71
C LEU A 82 -5.09 1.07 -8.47
N PHE A 83 -5.87 1.91 -7.80
CA PHE A 83 -5.47 3.30 -7.58
C PHE A 83 -4.42 3.48 -6.48
N GLN A 84 -4.49 2.64 -5.45
CA GLN A 84 -3.46 2.67 -4.39
C GLN A 84 -2.07 2.37 -4.95
N GLY A 85 -1.98 1.40 -5.86
CA GLY A 85 -0.70 0.96 -6.37
C GLY A 85 -0.32 1.41 -7.77
N GLY A 86 -1.18 2.19 -8.43
CA GLY A 86 -1.01 2.45 -9.85
C GLY A 86 -0.28 3.72 -10.26
N GLY A 87 0.35 4.39 -9.29
CA GLY A 87 0.96 5.69 -9.52
C GLY A 87 2.19 5.74 -10.43
N ASN A 88 2.92 4.62 -10.52
CA ASN A 88 4.15 4.61 -11.31
C ASN A 88 3.95 4.20 -12.77
N ASP A 89 2.74 3.80 -13.11
CA ASP A 89 2.41 3.42 -14.48
C ASP A 89 1.05 4.01 -14.88
N ILE A 90 1.01 5.31 -15.15
CA ILE A 90 -0.24 5.99 -15.45
CA ILE A 90 -0.23 6.00 -15.46
C ILE A 90 -0.91 5.43 -16.70
N THR A 91 -0.12 5.17 -17.73
CA THR A 91 -0.66 4.57 -18.96
C THR A 91 -1.36 3.24 -18.65
N GLY A 92 -0.68 2.38 -17.88
CA GLY A 92 -1.22 1.08 -17.53
C GLY A 92 -2.43 1.15 -16.62
N THR A 93 -2.34 1.99 -15.60
CA THR A 93 -3.42 2.18 -14.66
C THR A 93 -4.67 2.73 -15.36
N THR A 94 -4.46 3.66 -16.29
CA THR A 94 -5.58 4.22 -17.04
C THR A 94 -6.26 3.16 -17.87
N GLU A 95 -5.47 2.39 -18.61
CA GLU A 95 -5.95 1.28 -19.43
C GLU A 95 -6.78 0.29 -18.62
N LEU A 96 -6.26 -0.12 -17.46
CA LEU A 96 -6.97 -1.05 -16.59
C LEU A 96 -8.27 -0.44 -16.06
N CYS A 97 -8.24 0.84 -15.68
CA CYS A 97 -9.48 1.52 -15.27
C CYS A 97 -10.51 1.50 -16.40
N LYS A 98 -10.09 1.84 -17.61
CA LYS A 98 -11.01 1.82 -18.75
C LYS A 98 -11.65 0.45 -18.91
N ILE A 99 -10.85 -0.60 -18.80
CA ILE A 99 -11.36 -1.96 -19.02
C ILE A 99 -12.30 -2.37 -17.90
N PHE A 100 -11.96 -2.03 -16.66
CA PHE A 100 -12.83 -2.35 -15.53
C PHE A 100 -14.20 -1.68 -15.71
N LEU A 101 -14.20 -0.43 -16.15
CA LEU A 101 -15.46 0.28 -16.37
C LEU A 101 -16.27 -0.35 -17.48
N GLU A 102 -15.61 -0.72 -18.57
CA GLU A 102 -16.28 -1.33 -19.71
C GLU A 102 -16.90 -2.67 -19.32
N LYS A 103 -16.26 -3.35 -18.38
CA LYS A 103 -16.72 -4.67 -17.99
C LYS A 103 -17.59 -4.64 -16.73
N GLY A 104 -18.03 -3.44 -16.36
CA GLY A 104 -19.07 -3.29 -15.35
C GLY A 104 -18.66 -3.11 -13.90
N ALA A 105 -17.38 -2.93 -13.63
CA ALA A 105 -16.98 -2.68 -12.24
C ALA A 105 -17.54 -1.31 -11.81
N ASP A 106 -17.78 -1.18 -10.52
CA ASP A 106 -18.45 0.01 -9.97
C ASP A 106 -17.47 0.97 -9.29
N ILE A 107 -17.24 2.12 -9.92
CA ILE A 107 -16.29 3.09 -9.40
C ILE A 107 -16.94 4.07 -8.43
N THR A 108 -18.26 4.03 -8.31
CA THR A 108 -18.98 5.00 -7.46
C THR A 108 -19.01 4.58 -6.00
N ALA A 109 -18.84 3.29 -5.73
CA ALA A 109 -18.83 2.80 -4.36
C ALA A 109 -17.65 3.34 -3.58
N LEU A 110 -17.89 3.70 -2.32
CA LEU A 110 -16.85 4.18 -1.45
C LEU A 110 -15.94 3.06 -0.99
N TYR A 111 -14.77 3.43 -0.48
CA TYR A 111 -13.96 2.47 0.24
C TYR A 111 -14.46 2.62 1.67
N LYS A 112 -15.23 1.65 2.14
CA LYS A 112 -15.98 1.81 3.39
C LYS A 112 -15.15 2.09 4.66
N PRO A 113 -14.05 1.35 4.88
CA PRO A 113 -13.33 1.53 6.16
C PRO A 113 -12.98 2.99 6.47
N TYR A 114 -12.75 3.80 5.44
CA TYR A 114 -12.40 5.21 5.65
C TYR A 114 -13.43 6.14 5.04
N LYS A 115 -14.47 5.56 4.43
CA LYS A 115 -15.52 6.32 3.74
C LYS A 115 -14.97 7.34 2.74
N ILE A 116 -14.08 6.88 1.86
CA ILE A 116 -13.43 7.75 0.88
C ILE A 116 -13.74 7.31 -0.54
N VAL A 117 -13.71 8.26 -1.49
CA VAL A 117 -13.83 7.85 -2.89
C VAL A 117 -12.71 6.87 -3.22
N VAL A 118 -12.99 5.92 -4.11
CA VAL A 118 -12.08 4.80 -4.28
C VAL A 118 -10.82 5.22 -5.02
N PHE A 119 -10.91 6.35 -5.73
CA PHE A 119 -9.79 6.90 -6.51
C PHE A 119 -9.04 8.00 -5.77
N LYS A 120 -9.25 8.12 -4.46
CA LYS A 120 -8.66 9.24 -3.75
C LYS A 120 -7.14 9.34 -3.93
N ASN A 121 -6.47 8.20 -4.01
CA ASN A 121 -5.01 8.21 -4.10
C ASN A 121 -4.47 8.84 -5.39
N ILE A 122 -5.29 8.90 -6.44
CA ILE A 122 -4.75 9.41 -7.71
C ILE A 122 -4.36 10.86 -7.56
N PHE A 123 -4.93 11.52 -6.56
CA PHE A 123 -4.64 12.93 -6.35
C PHE A 123 -3.32 13.09 -5.61
N ASN A 124 -2.72 11.96 -5.23
CA ASN A 124 -1.40 11.94 -4.61
C ASN A 124 -0.30 11.65 -5.61
N TYR A 125 -0.69 11.29 -6.82
CA TYR A 125 0.26 10.87 -7.83
C TYR A 125 1.26 11.98 -8.15
N PHE A 126 2.53 11.59 -8.21
CA PHE A 126 3.56 12.50 -8.66
C PHE A 126 3.73 12.37 -10.16
N VAL A 127 2.71 12.79 -10.90
CA VAL A 127 2.82 12.88 -12.36
C VAL A 127 2.08 14.13 -12.83
N ASP A 128 2.58 14.73 -13.90
CA ASP A 128 1.96 15.92 -14.44
C ASP A 128 0.49 15.65 -14.80
N GLU A 129 -0.39 16.56 -14.41
CA GLU A 129 -1.81 16.38 -14.63
C GLU A 129 -2.19 16.21 -16.09
N ASN A 130 -1.40 16.81 -16.99
CA ASN A 130 -1.62 16.59 -18.41
C ASN A 130 -1.69 15.08 -18.69
N GLU A 131 -0.85 14.33 -18.00
CA GLU A 131 -0.85 12.87 -18.14
C GLU A 131 -2.07 12.22 -17.50
N MSE A 132 -2.68 12.91 -16.54
CA MSE A 132 -3.82 12.36 -15.79
C MSE A 132 -5.14 12.54 -16.53
O MSE A 132 -6.15 11.96 -16.16
CB MSE A 132 -3.93 13.03 -14.40
CG MSE A 132 -2.71 12.88 -13.49
SE MSE A 132 -2.46 11.02 -13.01
CE MSE A 132 -4.12 10.76 -12.04
N ILE A 133 -5.15 13.39 -17.55
CA ILE A 133 -6.42 13.74 -18.20
C ILE A 133 -7.23 12.55 -18.73
N PRO A 134 -6.60 11.62 -19.44
CA PRO A 134 -7.38 10.46 -19.88
C PRO A 134 -8.06 9.76 -18.72
N LEU A 135 -7.32 9.50 -17.64
CA LEU A 135 -7.90 8.88 -16.46
C LEU A 135 -9.00 9.75 -15.84
N TYR A 136 -8.76 11.06 -15.73
CA TYR A 136 -9.77 11.98 -15.20
C TYR A 136 -11.07 11.90 -16.01
N LYS A 137 -10.93 11.84 -17.34
CA LYS A 137 -12.09 11.76 -18.22
C LYS A 137 -12.90 10.48 -17.98
N LEU A 138 -12.19 9.36 -17.80
CA LEU A 138 -12.85 8.09 -17.53
C LEU A 138 -13.69 8.21 -16.27
N ILE A 139 -13.06 8.70 -15.21
CA ILE A 139 -13.73 8.80 -13.93
C ILE A 139 -14.93 9.75 -13.94
N PHE A 140 -14.75 10.97 -14.44
CA PHE A 140 -15.81 11.96 -14.39
C PHE A 140 -16.92 11.75 -15.42
N SER A 141 -16.75 10.76 -16.30
CA SER A 141 -17.79 10.37 -17.25
C SER A 141 -18.81 9.42 -16.61
N GLN A 142 -18.52 8.97 -15.40
CA GLN A 142 -19.42 8.06 -14.70
C GLN A 142 -20.37 8.84 -13.79
N SER A 143 -21.66 8.55 -13.92
CA SER A 143 -22.69 9.11 -13.06
C SER A 143 -22.58 8.52 -11.66
N GLY A 144 -22.85 9.31 -10.64
CA GLY A 144 -22.92 8.77 -9.28
C GLY A 144 -21.68 8.89 -8.40
N LEU A 145 -20.68 9.66 -8.84
CA LEU A 145 -19.52 9.88 -7.98
C LEU A 145 -19.93 10.61 -6.70
N GLN A 146 -19.39 10.16 -5.57
CA GLN A 146 -19.79 10.70 -4.27
C GLN A 146 -18.76 11.71 -3.81
N LEU A 147 -18.80 12.89 -4.41
CA LEU A 147 -17.77 13.91 -4.22
C LEU A 147 -17.99 14.82 -3.00
N LEU A 148 -19.19 14.79 -2.42
CA LEU A 148 -19.54 15.70 -1.33
C LEU A 148 -19.97 14.96 -0.08
N ILE A 149 -19.48 13.73 0.05
CA ILE A 149 -19.76 12.91 1.20
C ILE A 149 -18.57 12.96 2.14
N LYS A 150 -18.83 13.26 3.41
CA LYS A 150 -17.79 13.34 4.43
C LYS A 150 -17.17 11.98 4.69
N ASP A 151 -15.83 11.93 4.72
CA ASP A 151 -15.16 10.68 5.06
C ASP A 151 -15.23 10.44 6.56
N LYS A 152 -14.54 9.41 7.02
CA LYS A 152 -14.54 9.02 8.43
C LYS A 152 -14.11 10.17 9.35
N TRP A 153 -13.49 11.20 8.79
CA TRP A 153 -13.01 12.32 9.61
C TRP A 153 -13.59 13.69 9.26
N GLY A 154 -14.61 13.69 8.41
CA GLY A 154 -15.33 14.91 8.10
C GLY A 154 -14.88 15.66 6.87
N LEU A 155 -14.07 15.00 6.05
CA LEU A 155 -13.52 15.61 4.84
C LEU A 155 -14.16 14.99 3.60
N THR A 156 -14.66 15.83 2.69
CA THR A 156 -15.19 15.32 1.43
C THR A 156 -14.07 15.19 0.39
N ALA A 157 -14.36 14.52 -0.72
CA ALA A 157 -13.38 14.38 -1.79
C ALA A 157 -13.04 15.76 -2.36
N LEU A 158 -14.05 16.61 -2.52
CA LEU A 158 -13.81 17.95 -3.05
C LEU A 158 -12.84 18.71 -2.13
N GLU A 159 -13.13 18.67 -0.83
CA GLU A 159 -12.29 19.36 0.14
C GLU A 159 -10.83 18.92 0.08
N PHE A 160 -10.60 17.62 -0.14
CA PHE A 160 -9.25 17.05 -0.26
C PHE A 160 -8.52 17.57 -1.49
N VAL A 161 -9.21 17.55 -2.63
CA VAL A 161 -8.59 17.97 -3.87
C VAL A 161 -8.26 19.46 -3.84
N LYS A 162 -9.11 20.24 -3.19
CA LYS A 162 -8.84 21.68 -3.02
C LYS A 162 -7.47 21.95 -2.40
N ARG A 163 -7.00 21.03 -1.56
CA ARG A 163 -5.76 21.24 -0.82
C ARG A 163 -4.56 20.48 -1.40
N CYS A 164 -4.75 19.81 -2.53
CA CYS A 164 -3.64 19.28 -3.29
C CYS A 164 -3.27 20.33 -4.34
N GLN A 165 -2.17 20.10 -5.06
CA GLN A 165 -1.83 21.04 -6.11
C GLN A 165 -2.28 20.45 -7.44
N LYS A 166 -3.59 20.26 -7.57
CA LYS A 166 -4.18 19.60 -8.74
C LYS A 166 -5.31 20.43 -9.33
N PRO A 167 -4.99 21.59 -9.92
CA PRO A 167 -6.01 22.51 -10.41
C PRO A 167 -6.92 21.90 -11.46
N ILE A 168 -6.38 20.99 -12.28
CA ILE A 168 -7.19 20.38 -13.33
C ILE A 168 -8.25 19.46 -12.72
N ALA A 169 -7.84 18.61 -11.79
CA ALA A 169 -8.80 17.75 -11.10
C ALA A 169 -9.85 18.60 -10.38
N LEU A 170 -9.44 19.73 -9.83
CA LEU A 170 -10.36 20.57 -9.06
C LEU A 170 -11.43 21.15 -9.97
N LYS A 171 -10.98 21.67 -11.12
CA LYS A 171 -11.88 22.24 -12.12
C LYS A 171 -12.87 21.20 -12.61
N MSE A 172 -12.37 19.99 -12.89
CA MSE A 172 -13.24 18.94 -13.41
C MSE A 172 -14.26 18.48 -12.36
O MSE A 172 -15.39 18.13 -12.70
CB MSE A 172 -12.41 17.79 -13.96
CG MSE A 172 -11.63 18.18 -15.20
SE MSE A 172 -10.57 16.73 -15.93
CE MSE A 172 -12.01 15.77 -16.83
N MSE A 173 -13.86 18.47 -11.08
CA MSE A 173 -14.80 18.09 -10.03
C MSE A 173 -15.87 19.16 -9.84
O MSE A 173 -17.04 18.82 -9.64
CB MSE A 173 -14.08 17.87 -8.70
CG MSE A 173 -13.46 16.51 -8.51
SE MSE A 173 -12.85 16.40 -6.67
CE MSE A 173 -14.54 16.36 -5.76
N GLU A 174 -15.48 20.43 -9.88
CA GLU A 174 -16.45 21.51 -9.77
C GLU A 174 -17.44 21.43 -10.94
N ASP A 175 -16.93 21.10 -12.12
CA ASP A 175 -17.80 20.98 -13.30
C ASP A 175 -18.79 19.84 -13.12
N TYR A 176 -18.32 18.74 -12.52
CA TYR A 176 -19.14 17.54 -12.33
C TYR A 176 -20.25 17.87 -11.34
N ILE A 177 -19.88 18.53 -10.25
CA ILE A 177 -20.84 18.94 -9.25
C ILE A 177 -21.92 19.88 -9.82
N LYS A 178 -21.53 20.78 -10.70
CA LYS A 178 -22.50 21.71 -11.29
C LYS A 178 -23.37 20.99 -12.30
N LYS A 179 -22.77 20.09 -13.08
CA LYS A 179 -23.53 19.32 -14.05
C LYS A 179 -24.64 18.55 -13.35
N TYR A 180 -24.27 17.77 -12.33
CA TYR A 180 -25.24 16.90 -11.66
C TYR A 180 -25.98 17.59 -10.52
N ASN A 181 -25.68 18.86 -10.29
CA ASN A 181 -26.36 19.67 -9.27
C ASN A 181 -26.21 19.06 -7.87
N LEU A 182 -25.00 18.61 -7.56
CA LEU A 182 -24.76 17.96 -6.26
C LEU A 182 -24.64 18.97 -5.13
N LYS A 183 -25.18 18.62 -3.96
CA LYS A 183 -25.16 19.51 -2.80
C LYS A 183 -24.46 18.84 -1.63
N GLU A 184 -24.03 19.62 -0.65
CA GLU A 184 -23.33 19.08 0.51
C GLU A 184 -24.17 18.03 1.25
N ASN B 2 -4.69 -27.44 7.62
CA ASN B 2 -3.88 -27.80 6.46
C ASN B 2 -3.29 -26.57 5.78
N ALA B 3 -2.59 -25.75 6.57
CA ALA B 3 -2.01 -24.52 6.04
C ALA B 3 -0.87 -24.78 5.05
N MSE B 4 -0.31 -25.98 5.08
CA MSE B 4 0.79 -26.28 4.17
C MSE B 4 0.30 -26.49 2.73
O MSE B 4 1.11 -26.58 1.80
CB MSE B 4 1.65 -27.45 4.67
CG MSE B 4 2.56 -27.06 5.85
SE MSE B 4 4.22 -28.12 5.97
CE MSE B 4 4.98 -27.76 4.21
N SER B 5 -1.02 -26.57 2.53
CA SER B 5 -1.57 -26.59 1.17
C SER B 5 -1.53 -25.19 0.58
N GLU B 6 -1.39 -24.20 1.45
CA GLU B 6 -1.35 -22.77 1.10
C GLU B 6 0.06 -22.19 1.12
N TYR B 7 0.85 -22.63 2.10
CA TYR B 7 2.17 -22.03 2.36
C TYR B 7 3.17 -23.15 2.54
N ARG B 8 4.28 -23.09 1.79
CA ARG B 8 5.32 -24.11 1.91
C ARG B 8 6.30 -23.77 3.02
N THR B 9 6.37 -22.49 3.38
CA THR B 9 7.32 -22.02 4.38
C THR B 9 6.65 -21.12 5.42
N VAL B 10 7.27 -21.02 6.60
CA VAL B 10 6.81 -20.09 7.61
C VAL B 10 6.82 -18.67 7.05
N SER B 11 7.82 -18.36 6.24
CA SER B 11 7.96 -17.04 5.64
C SER B 11 6.73 -16.65 4.83
N ALA B 12 6.27 -17.58 3.99
CA ALA B 12 5.08 -17.38 3.18
C ALA B 12 3.86 -17.19 4.05
N ALA B 13 3.69 -18.04 5.07
CA ALA B 13 2.58 -17.91 5.99
C ALA B 13 2.64 -16.55 6.69
N ALA B 14 3.83 -16.13 7.09
CA ALA B 14 3.97 -14.90 7.86
C ALA B 14 3.55 -13.68 7.05
N MSE B 15 3.83 -13.73 5.75
CA MSE B 15 3.54 -12.62 4.85
C MSE B 15 2.12 -12.65 4.29
O MSE B 15 1.50 -11.59 4.06
CB MSE B 15 4.53 -12.64 3.67
CG MSE B 15 4.55 -11.36 2.85
SE MSE B 15 5.57 -11.61 1.19
CE MSE B 15 7.23 -12.30 1.90
N LEU B 16 1.59 -13.84 4.08
CA LEU B 16 0.36 -13.98 3.29
C LEU B 16 -0.82 -14.51 4.10
N GLY B 17 -0.53 -15.12 5.25
CA GLY B 17 -1.54 -15.87 5.98
C GLY B 17 -1.98 -15.26 7.29
N THR B 18 -2.81 -16.00 8.02
CA THR B 18 -3.26 -15.57 9.35
C THR B 18 -2.23 -15.93 10.40
N TYR B 19 -2.41 -15.42 11.61
CA TYR B 19 -1.56 -15.79 12.74
C TYR B 19 -1.62 -17.32 12.89
N GLU B 20 -2.82 -17.86 12.72
CA GLU B 20 -3.02 -19.28 12.90
C GLU B 20 -2.26 -20.08 11.84
N ASP B 21 -2.30 -19.62 10.59
CA ASP B 21 -1.51 -20.21 9.53
C ASP B 21 -0.02 -20.16 9.88
N PHE B 22 0.44 -18.99 10.29
CA PHE B 22 1.83 -18.80 10.69
C PHE B 22 2.23 -19.78 11.78
N LEU B 23 1.38 -19.90 12.80
CA LEU B 23 1.67 -20.76 13.95
C LEU B 23 1.77 -22.22 13.51
N GLU B 24 0.92 -22.62 12.57
CA GLU B 24 0.97 -23.99 12.07
C GLU B 24 2.26 -24.26 11.32
N LEU B 25 2.70 -23.30 10.52
CA LEU B 25 3.96 -23.47 9.79
C LEU B 25 5.16 -23.48 10.74
N PHE B 26 5.13 -22.58 11.72
CA PHE B 26 6.22 -22.47 12.69
C PHE B 26 6.33 -23.70 13.58
N GLU B 27 5.20 -24.14 14.13
CA GLU B 27 5.19 -25.25 15.08
C GLU B 27 5.20 -26.61 14.40
N LYS B 28 4.34 -26.77 13.40
CA LYS B 28 4.15 -28.08 12.78
C LYS B 28 4.65 -28.15 11.33
N GLY B 29 5.50 -27.21 10.96
CA GLY B 29 6.11 -27.21 9.64
C GLY B 29 7.37 -28.05 9.66
N TYR B 30 8.27 -27.82 8.71
CA TYR B 30 9.49 -28.62 8.65
C TYR B 30 10.74 -27.82 9.05
N GLU B 31 10.69 -26.50 8.86
CA GLU B 31 11.84 -25.66 9.14
C GLU B 31 12.17 -25.60 10.62
N ASP B 32 13.46 -25.49 10.92
CA ASP B 32 13.93 -25.42 12.29
C ASP B 32 13.61 -24.08 12.92
N LYS B 33 12.91 -24.10 14.06
CA LYS B 33 12.47 -22.87 14.71
C LYS B 33 13.60 -21.87 14.88
N GLU B 34 14.78 -22.35 15.30
CA GLU B 34 15.89 -21.44 15.58
C GLU B 34 16.35 -20.71 14.32
N SER B 35 16.43 -21.44 13.21
CA SER B 35 16.82 -20.83 11.95
C SER B 35 15.80 -19.77 11.53
N VAL B 36 14.52 -20.08 11.72
CA VAL B 36 13.47 -19.13 11.38
C VAL B 36 13.59 -17.86 12.23
N LEU B 37 13.77 -18.04 13.53
CA LEU B 37 13.84 -16.89 14.42
C LEU B 37 15.06 -16.02 14.11
N LYS B 38 16.12 -16.65 13.61
CA LYS B 38 17.33 -15.92 13.25
C LYS B 38 17.25 -15.22 11.90
N SER B 39 16.25 -15.59 11.09
CA SER B 39 16.06 -14.95 9.78
C SER B 39 15.42 -13.57 9.92
N ASN B 40 15.32 -12.84 8.81
CA ASN B 40 14.66 -11.54 8.83
C ASN B 40 13.17 -11.67 8.50
N ILE B 41 12.55 -12.74 8.99
CA ILE B 41 11.12 -13.00 8.75
C ILE B 41 10.21 -11.86 9.23
N LEU B 42 10.61 -11.15 10.28
CA LEU B 42 9.81 -10.02 10.75
C LEU B 42 9.58 -8.98 9.64
N TYR B 43 10.58 -8.80 8.79
CA TYR B 43 10.43 -7.92 7.64
C TYR B 43 9.26 -8.35 6.76
N ASP B 44 9.19 -9.65 6.48
CA ASP B 44 8.10 -10.19 5.67
C ASP B 44 6.74 -10.02 6.35
N VAL B 45 6.69 -10.22 7.66
CA VAL B 45 5.44 -10.09 8.41
C VAL B 45 4.86 -8.69 8.23
N LEU B 46 5.73 -7.68 8.23
CA LEU B 46 5.29 -6.29 8.13
C LEU B 46 4.66 -5.97 6.77
N ARG B 47 4.79 -6.89 5.82
CA ARG B 47 4.17 -6.74 4.51
C ARG B 47 2.79 -7.39 4.45
N ASN B 48 2.41 -8.12 5.50
CA ASN B 48 1.13 -8.80 5.53
C ASN B 48 -0.06 -7.83 5.55
N ASN B 49 -0.92 -7.95 4.53
CA ASN B 49 -2.06 -7.04 4.37
C ASN B 49 -3.19 -7.25 5.40
N ASN B 50 -3.07 -8.31 6.20
CA ASN B 50 -4.03 -8.63 7.25
C ASN B 50 -3.49 -8.00 8.54
N ASP B 51 -4.10 -6.91 8.99
CA ASP B 51 -3.51 -6.15 10.11
C ASP B 51 -3.59 -6.94 11.42
N GLU B 52 -4.65 -7.72 11.59
CA GLU B 52 -4.75 -8.58 12.77
C GLU B 52 -3.55 -9.54 12.77
N ALA B 53 -3.30 -10.19 11.63
CA ALA B 53 -2.16 -11.10 11.51
C ALA B 53 -0.82 -10.38 11.67
N ARG B 54 -0.70 -9.21 11.05
CA ARG B 54 0.54 -8.46 11.16
C ARG B 54 0.88 -8.23 12.61
N TYR B 55 -0.10 -7.80 13.40
CA TYR B 55 0.17 -7.47 14.79
C TYR B 55 0.55 -8.70 15.62
N LYS B 56 -0.31 -9.71 15.55
CA LYS B 56 -0.13 -10.93 16.32
C LYS B 56 1.19 -11.64 16.00
N ILE B 57 1.48 -11.77 14.71
CA ILE B 57 2.71 -12.46 14.32
C ILE B 57 3.93 -11.60 14.70
N SER B 58 3.86 -10.29 14.52
CA SER B 58 5.00 -9.45 14.89
C SER B 58 5.32 -9.58 16.37
N MSE B 59 4.29 -9.50 17.21
CA MSE B 59 4.52 -9.60 18.65
C MSE B 59 5.09 -10.96 19.03
O MSE B 59 5.96 -11.05 19.90
CB MSE B 59 3.23 -9.32 19.42
CG MSE B 59 2.69 -7.91 19.23
SE MSE B 59 3.96 -6.50 19.70
CE MSE B 59 4.73 -7.31 21.30
N PHE B 60 4.62 -12.01 18.37
CA PHE B 60 5.15 -13.35 18.61
C PHE B 60 6.66 -13.40 18.36
N LEU B 61 7.09 -12.93 17.19
CA LEU B 61 8.50 -12.93 16.83
C LEU B 61 9.34 -11.96 17.68
N ILE B 62 8.81 -10.76 17.93
CA ILE B 62 9.52 -9.82 18.77
C ILE B 62 9.79 -10.43 20.14
N ASN B 63 8.76 -11.04 20.74
CA ASN B 63 8.90 -11.64 22.07
C ASN B 63 9.89 -12.81 22.10
N LYS B 64 10.09 -13.46 20.98
CA LYS B 64 11.04 -14.58 20.92
C LYS B 64 12.44 -14.14 20.49
N GLY B 65 12.62 -12.83 20.35
CA GLY B 65 13.94 -12.24 20.16
C GLY B 65 14.40 -11.96 18.74
N ALA B 66 13.44 -11.78 17.82
CA ALA B 66 13.77 -11.38 16.44
C ALA B 66 14.69 -10.15 16.43
N ASP B 67 15.58 -10.08 15.44
CA ASP B 67 16.55 -8.97 15.36
C ASP B 67 15.88 -7.70 14.85
N ILE B 68 15.62 -6.78 15.77
CA ILE B 68 14.96 -5.52 15.43
C ILE B 68 15.89 -4.62 14.62
N LYS B 69 17.19 -4.87 14.70
CA LYS B 69 18.18 -4.06 13.96
C LYS B 69 18.57 -4.68 12.62
N SER B 70 17.74 -5.60 12.14
CA SER B 70 18.04 -6.30 10.90
C SER B 70 18.18 -5.32 9.73
N ARG B 71 18.96 -5.70 8.73
CA ARG B 71 19.11 -4.91 7.51
C ARG B 71 19.01 -5.82 6.31
N THR B 72 18.28 -5.42 5.28
CA THR B 72 18.32 -6.13 4.01
C THR B 72 19.63 -5.87 3.28
N LYS B 73 19.83 -6.53 2.14
CA LYS B 73 21.05 -6.40 1.35
C LYS B 73 21.26 -4.94 0.91
N GLU B 74 20.15 -4.24 0.71
CA GLU B 74 20.20 -2.83 0.30
C GLU B 74 20.28 -1.89 1.50
N GLY B 75 20.35 -2.45 2.70
CA GLY B 75 20.51 -1.66 3.92
C GLY B 75 19.20 -1.18 4.49
N THR B 76 18.10 -1.82 4.10
CA THR B 76 16.78 -1.39 4.53
C THR B 76 16.39 -1.91 5.93
N THR B 77 15.83 -1.01 6.75
CA THR B 77 15.43 -1.37 8.11
C THR B 77 13.98 -1.86 8.15
N LEU B 78 13.56 -2.38 9.30
CA LEU B 78 12.19 -2.87 9.45
C LEU B 78 11.16 -1.74 9.32
N PHE B 79 11.61 -0.51 9.52
CA PHE B 79 10.66 0.61 9.42
C PHE B 79 10.05 0.73 8.03
N PHE B 80 10.76 0.31 6.98
CA PHE B 80 10.24 0.52 5.63
C PHE B 80 8.94 -0.26 5.36
N PRO B 81 8.97 -1.60 5.45
CA PRO B 81 7.68 -2.29 5.27
C PRO B 81 6.64 -1.89 6.33
N LEU B 82 7.07 -1.58 7.55
CA LEU B 82 6.12 -1.07 8.54
C LEU B 82 5.28 0.09 8.00
N PHE B 83 5.95 1.13 7.50
CA PHE B 83 5.26 2.35 7.05
C PHE B 83 4.65 2.22 5.66
N GLN B 84 5.29 1.47 4.78
CA GLN B 84 4.74 1.27 3.46
C GLN B 84 3.37 0.59 3.55
N GLY B 85 3.22 -0.32 4.52
CA GLY B 85 1.98 -1.11 4.61
C GLY B 85 1.10 -0.77 5.80
N GLY B 86 1.46 0.25 6.55
CA GLY B 86 0.85 0.47 7.85
C GLY B 86 -0.32 1.45 7.93
N GLY B 87 -0.87 1.85 6.78
CA GLY B 87 -1.84 2.94 6.77
C GLY B 87 -3.29 2.53 7.01
N ASN B 88 -3.52 1.23 7.18
CA ASN B 88 -4.88 0.77 7.52
C ASN B 88 -5.05 0.45 9.00
N ASP B 89 -3.96 0.53 9.75
CA ASP B 89 -4.01 0.29 11.20
C ASP B 89 -3.04 1.23 11.89
N ILE B 90 -3.45 2.49 12.06
CA ILE B 90 -2.51 3.48 12.59
CA ILE B 90 -2.55 3.50 12.60
C ILE B 90 -2.11 3.16 14.01
N THR B 91 -3.05 2.62 14.80
CA THR B 91 -2.74 2.24 16.16
C THR B 91 -1.62 1.19 16.24
N GLY B 92 -1.75 0.12 15.45
CA GLY B 92 -0.76 -0.94 15.48
C GLY B 92 0.56 -0.49 14.86
N THR B 93 0.47 0.31 13.82
CA THR B 93 1.68 0.88 13.20
C THR B 93 2.47 1.73 14.20
N THR B 94 1.75 2.52 14.99
CA THR B 94 2.37 3.36 15.98
C THR B 94 3.02 2.51 17.06
N GLU B 95 2.29 1.49 17.52
CA GLU B 95 2.83 0.65 18.57
C GLU B 95 4.10 -0.05 18.11
N LEU B 96 4.09 -0.56 16.88
CA LEU B 96 5.25 -1.26 16.36
C LEU B 96 6.42 -0.30 16.20
N CYS B 97 6.15 0.91 15.71
CA CYS B 97 7.21 1.91 15.61
C CYS B 97 7.82 2.15 16.98
N LYS B 98 6.97 2.31 17.99
CA LYS B 98 7.44 2.55 19.35
C LYS B 98 8.40 1.44 19.82
N ILE B 99 7.99 0.19 19.61
CA ILE B 99 8.80 -0.95 20.05
C ILE B 99 10.12 -0.99 19.29
N PHE B 100 10.06 -0.79 17.98
CA PHE B 100 11.27 -0.81 17.16
C PHE B 100 12.26 0.25 17.64
N LEU B 101 11.76 1.45 17.95
CA LEU B 101 12.65 2.48 18.47
C LEU B 101 13.27 2.08 19.82
N GLU B 102 12.44 1.58 20.71
CA GLU B 102 12.90 1.15 22.03
C GLU B 102 13.97 0.07 21.95
N LYS B 103 13.85 -0.78 20.93
CA LYS B 103 14.79 -1.89 20.77
C LYS B 103 15.95 -1.56 19.81
N GLY B 104 16.04 -0.30 19.41
CA GLY B 104 17.26 0.20 18.81
C GLY B 104 17.34 0.22 17.30
N ALA B 105 16.20 0.11 16.61
CA ALA B 105 16.20 0.22 15.16
C ALA B 105 16.49 1.67 14.75
N ASP B 106 16.98 1.83 13.53
CA ASP B 106 17.44 3.13 13.03
C ASP B 106 16.40 3.73 12.09
N ILE B 107 15.69 4.76 12.54
CA ILE B 107 14.67 5.39 11.71
C ILE B 107 15.23 6.46 10.75
N THR B 108 16.53 6.76 10.88
CA THR B 108 17.16 7.80 10.07
C THR B 108 17.66 7.28 8.74
N ALA B 109 17.89 5.98 8.64
CA ALA B 109 18.33 5.42 7.37
C ALA B 109 17.26 5.60 6.30
N LEU B 110 17.69 5.94 5.09
CA LEU B 110 16.76 6.06 3.98
C LEU B 110 16.37 4.70 3.44
N TYR B 111 15.31 4.62 2.65
CA TYR B 111 15.15 3.51 1.73
C TYR B 111 16.02 3.86 0.53
N LYS B 112 17.19 3.23 0.46
CA LYS B 112 18.20 3.68 -0.50
C LYS B 112 17.77 3.67 -1.97
N PRO B 113 17.03 2.64 -2.41
CA PRO B 113 16.68 2.64 -3.83
C PRO B 113 15.88 3.87 -4.29
N TYR B 114 15.07 4.46 -3.42
CA TYR B 114 14.31 5.66 -3.79
C TYR B 114 14.90 6.91 -3.14
N LYS B 115 15.86 6.73 -2.25
CA LYS B 115 16.44 7.84 -1.48
C LYS B 115 15.35 8.59 -0.72
N ILE B 116 14.37 7.86 -0.22
CA ILE B 116 13.29 8.45 0.58
C ILE B 116 13.50 8.19 2.07
N VAL B 117 12.98 9.10 2.88
CA VAL B 117 12.89 8.79 4.30
C VAL B 117 11.97 7.59 4.47
N VAL B 118 12.22 6.80 5.50
CA VAL B 118 11.60 5.48 5.59
C VAL B 118 10.11 5.57 5.92
N PHE B 119 9.73 6.69 6.54
CA PHE B 119 8.33 6.95 6.90
C PHE B 119 7.60 7.82 5.87
N LYS B 120 8.18 7.98 4.68
CA LYS B 120 7.58 8.88 3.68
C LYS B 120 6.11 8.57 3.47
N ASN B 121 5.75 7.29 3.39
CA ASN B 121 4.38 6.94 3.07
C ASN B 121 3.36 7.38 4.10
N ILE B 122 3.78 7.62 5.34
CA ILE B 122 2.79 7.99 6.33
C ILE B 122 2.12 9.32 5.94
N PHE B 123 2.79 10.14 5.13
CA PHE B 123 2.20 11.42 4.78
C PHE B 123 1.12 11.27 3.70
N ASN B 124 1.01 10.06 3.17
CA ASN B 124 -0.05 9.69 2.23
C ASN B 124 -1.22 8.98 2.92
N TYR B 125 -1.08 8.66 4.21
CA TYR B 125 -2.16 7.98 4.93
C TYR B 125 -3.43 8.82 4.90
N PHE B 126 -4.56 8.13 4.87
CA PHE B 126 -5.85 8.81 4.79
C PHE B 126 -6.37 9.30 6.14
N VAL B 127 -5.78 8.81 7.23
CA VAL B 127 -6.28 9.17 8.56
C VAL B 127 -6.04 10.64 8.88
N ASP B 128 -6.89 11.20 9.75
CA ASP B 128 -6.74 12.58 10.16
C ASP B 128 -5.44 12.72 10.92
N GLU B 129 -4.78 13.87 10.79
CA GLU B 129 -3.49 14.02 11.48
C GLU B 129 -3.55 13.89 12.99
N ASN B 130 -4.71 14.19 13.60
CA ASN B 130 -4.83 14.03 15.04
C ASN B 130 -4.45 12.62 15.48
N GLU B 131 -4.86 11.63 14.69
CA GLU B 131 -4.60 10.22 15.00
C GLU B 131 -3.13 9.86 14.77
N MSE B 132 -2.42 10.76 14.11
CA MSE B 132 -1.04 10.49 13.81
C MSE B 132 -0.04 11.18 14.73
O MSE B 132 1.14 10.97 14.62
CB MSE B 132 -0.79 10.74 12.35
CG MSE B 132 -1.13 9.45 11.56
SE MSE B 132 -1.11 9.89 9.74
CE MSE B 132 0.76 9.59 9.48
N ILE B 133 -0.55 12.01 15.64
CA ILE B 133 0.33 12.75 16.53
C ILE B 133 1.29 11.85 17.33
N PRO B 134 0.79 10.73 17.88
CA PRO B 134 1.74 9.93 18.67
C PRO B 134 2.87 9.40 17.79
N LEU B 135 2.55 8.99 16.56
CA LEU B 135 3.59 8.52 15.64
C LEU B 135 4.57 9.64 15.27
N TYR B 136 4.03 10.81 14.95
CA TYR B 136 4.85 11.97 14.67
C TYR B 136 5.82 12.25 15.82
N LYS B 137 5.32 12.17 17.05
CA LYS B 137 6.16 12.47 18.21
C LYS B 137 7.30 11.45 18.35
N LEU B 138 7.01 10.18 18.06
CA LEU B 138 8.06 9.17 18.06
C LEU B 138 9.14 9.49 17.04
N ILE B 139 8.71 9.83 15.82
CA ILE B 139 9.64 10.09 14.74
C ILE B 139 10.49 11.34 14.97
N PHE B 140 9.84 12.44 15.33
CA PHE B 140 10.54 13.72 15.44
C PHE B 140 11.36 13.89 16.71
N SER B 141 11.27 12.92 17.62
CA SER B 141 12.12 12.94 18.80
C SER B 141 13.44 12.23 18.58
N GLN B 142 13.65 11.67 17.38
CA GLN B 142 14.90 10.97 17.07
C GLN B 142 15.93 11.91 16.46
N SER B 143 17.19 11.69 16.85
CA SER B 143 18.31 12.44 16.32
C SER B 143 18.62 11.98 14.89
N GLY B 144 18.94 12.93 14.02
CA GLY B 144 19.48 12.59 12.71
C GLY B 144 18.54 12.33 11.54
N LEU B 145 17.28 12.76 11.63
CA LEU B 145 16.38 12.60 10.48
C LEU B 145 16.92 13.36 9.27
N GLN B 146 16.80 12.76 8.10
CA GLN B 146 17.29 13.37 6.88
C GLN B 146 16.12 13.95 6.10
N LEU B 147 15.75 15.19 6.45
CA LEU B 147 14.53 15.80 5.92
C LEU B 147 14.75 16.67 4.69
N LEU B 148 16.01 16.86 4.31
CA LEU B 148 16.37 17.77 3.23
C LEU B 148 17.24 17.09 2.18
N ILE B 149 16.98 15.82 1.93
CA ILE B 149 17.69 15.04 0.92
CA ILE B 149 17.70 15.13 0.89
C ILE B 149 16.74 14.79 -0.25
N LYS B 150 17.16 15.12 -1.47
CA LYS B 150 16.26 14.92 -2.61
C LYS B 150 16.07 13.44 -2.90
N ASP B 151 14.81 12.99 -2.92
CA ASP B 151 14.54 11.61 -3.32
C ASP B 151 14.69 11.45 -4.84
N LYS B 152 14.41 10.26 -5.37
CA LYS B 152 14.69 10.00 -6.79
C LYS B 152 13.73 10.77 -7.67
N TRP B 153 12.67 11.30 -7.06
CA TRP B 153 11.72 12.13 -7.78
C TRP B 153 12.02 13.61 -7.61
N GLY B 154 13.12 13.90 -6.91
CA GLY B 154 13.61 15.27 -6.79
C GLY B 154 13.04 16.02 -5.60
N LEU B 155 12.33 15.30 -4.74
CA LEU B 155 11.64 15.88 -3.59
C LEU B 155 12.34 15.52 -2.29
N THR B 156 12.69 16.55 -1.50
CA THR B 156 13.09 16.31 -0.13
C THR B 156 11.85 15.89 0.67
N ALA B 157 12.05 15.35 1.86
CA ALA B 157 10.92 15.01 2.70
C ALA B 157 10.08 16.25 2.94
N LEU B 158 10.74 17.38 3.20
CA LEU B 158 10.02 18.63 3.46
C LEU B 158 9.15 19.05 2.28
N GLU B 159 9.71 19.02 1.07
CA GLU B 159 8.94 19.42 -0.10
C GLU B 159 7.78 18.46 -0.34
N PHE B 160 8.01 17.18 -0.07
CA PHE B 160 6.95 16.21 -0.26
C PHE B 160 5.75 16.52 0.63
N VAL B 161 5.98 16.76 1.92
CA VAL B 161 4.87 17.06 2.82
C VAL B 161 4.15 18.36 2.42
N LYS B 162 4.80 19.25 1.67
CA LYS B 162 4.12 20.47 1.25
C LYS B 162 3.07 20.25 0.14
N ARG B 163 3.13 19.13 -0.57
CA ARG B 163 2.34 18.90 -1.78
C ARG B 163 0.81 18.79 -1.56
N CYS B 164 0.39 17.65 -1.04
CA CYS B 164 -0.95 17.49 -0.47
C CYS B 164 -0.82 17.78 1.03
N GLN B 165 -1.33 18.93 1.46
CA GLN B 165 -1.02 19.48 2.78
C GLN B 165 -1.33 18.56 3.96
N LYS B 166 -0.29 18.31 4.77
CA LYS B 166 -0.42 17.73 6.10
C LYS B 166 0.18 18.79 7.02
N PRO B 167 -0.63 19.75 7.47
CA PRO B 167 -0.11 20.94 8.16
C PRO B 167 0.66 20.66 9.46
N ILE B 168 0.21 19.67 10.23
CA ILE B 168 0.88 19.34 11.49
C ILE B 168 2.27 18.75 11.22
N ALA B 169 2.34 17.76 10.32
CA ALA B 169 3.64 17.23 9.92
C ALA B 169 4.56 18.35 9.44
N LEU B 170 4.04 19.25 8.62
CA LEU B 170 4.87 20.33 8.08
C LEU B 170 5.43 21.21 9.21
N LYS B 171 4.56 21.63 10.12
CA LYS B 171 5.01 22.44 11.24
C LYS B 171 6.10 21.70 12.04
N MSE B 172 5.85 20.43 12.34
CA MSE B 172 6.78 19.65 13.14
C MSE B 172 8.13 19.48 12.42
O MSE B 172 9.20 19.54 13.03
CB MSE B 172 6.16 18.33 13.53
CG MSE B 172 4.92 18.52 14.41
SE MSE B 172 4.26 16.84 15.12
CE MSE B 172 5.66 16.52 16.44
N MSE B 173 8.07 19.29 11.10
CA MSE B 173 9.30 19.22 10.29
C MSE B 173 10.08 20.52 10.32
O MSE B 173 11.30 20.53 10.48
CB MSE B 173 9.02 18.88 8.83
CG MSE B 173 8.72 17.48 8.57
SE MSE B 173 9.17 17.02 6.71
CE MSE B 173 8.73 15.14 6.92
N GLU B 174 9.37 21.63 10.14
CA GLU B 174 10.02 22.93 10.15
C GLU B 174 10.66 23.18 11.52
N ASP B 175 9.95 22.79 12.57
CA ASP B 175 10.47 22.91 13.94
C ASP B 175 11.75 22.11 14.12
N TYR B 176 11.75 20.91 13.56
CA TYR B 176 12.88 20.00 13.67
C TYR B 176 14.09 20.54 12.92
N ILE B 177 13.86 21.00 11.69
CA ILE B 177 14.93 21.62 10.91
C ILE B 177 15.57 22.80 11.66
N LYS B 178 14.73 23.65 12.24
CA LYS B 178 15.22 24.79 13.02
C LYS B 178 15.98 24.36 14.28
N LYS B 179 15.43 23.38 15.00
CA LYS B 179 16.03 22.87 16.22
C LYS B 179 17.46 22.36 16.01
N TYR B 180 17.68 21.67 14.89
CA TYR B 180 18.99 21.10 14.61
C TYR B 180 19.72 21.85 13.51
N ASN B 181 19.28 23.08 13.25
CA ASN B 181 19.89 23.95 12.25
C ASN B 181 20.29 23.21 10.98
N LEU B 182 19.38 22.40 10.46
CA LEU B 182 19.66 21.59 9.27
C LEU B 182 19.62 22.42 7.99
N LYS B 183 20.48 22.08 7.05
CA LYS B 183 20.48 22.76 5.74
C LYS B 183 20.56 21.78 4.57
N GLU B 184 20.11 22.24 3.40
CA GLU B 184 20.07 21.41 2.20
C GLU B 184 21.38 20.65 1.98
#